data_3KYN
#
_entry.id   3KYN
#
_cell.length_a   76.874
_cell.length_b   76.874
_cell.length_c   151.851
_cell.angle_alpha   90.00
_cell.angle_beta   90.00
_cell.angle_gamma   120.00
#
_symmetry.space_group_name_H-M   'P 32 2 1'
#
loop_
_entity.id
_entity.type
_entity.pdbx_description
1 polymer 'MHC class I antigen'
2 polymer Beta-2-microglobulin
3 polymer 'KGPPAALTL peptide'
4 non-polymer 'COBALT (II) ION'
5 non-polymer 'CHLORIDE ION'
6 water water
#
loop_
_entity_poly.entity_id
_entity_poly.type
_entity_poly.pdbx_seq_one_letter_code
_entity_poly.pdbx_strand_id
1 'polypeptide(L)'
;MSHSMRYFSAAVSRPGRGEPRFIAMGYVDDTQFVRFDSDSASPRMEPRAPWVEQEGPEYWEEETRNTKAHAQTDRMNLQT
LRGYYNQSEASSHTLQWMIGCDLGSDGRLIRGYERYAYDGKDYLALNEDLRSWTAADTAAQISKRKCEAANVAEQRRAYL
EGTCVEWLHRYLENGKEMLQRADPPKTHVTHHPVFDYEATLRCWALGFYPAEIILTWQRDGEDQTQDVELVETRPAGDGT
FQKWAAVVVPSGEEQRYTCHVQHEGLPEPLMLRWK
;
A
2 'polypeptide(L)'
;MIQRTPKIQVYSRHPAENGKSNFLNCYVSGFHPSDIEVDLLKNGERIEKVEHSDLSFSKDWSFYLLYYTEFTPTEKDEYA
CRVNHVTLSQPKIVKWDRDM
;
B
3 'polypeptide(L)' KGPPAALTL P
#
loop_
_chem_comp.id
_chem_comp.type
_chem_comp.name
_chem_comp.formula
CL non-polymer 'CHLORIDE ION' 'Cl -1'
CO non-polymer 'COBALT (II) ION' 'Co 2'
#
# COMPACT_ATOMS: atom_id res chain seq x y z
N MET A 1 7.39 15.10 11.13
CA MET A 1 6.20 14.24 11.39
C MET A 1 5.03 14.80 10.61
N SER A 2 5.01 14.47 9.32
CA SER A 2 3.99 14.94 8.42
C SER A 2 2.83 13.94 8.56
N HIS A 3 1.61 14.39 8.31
CA HIS A 3 0.46 13.53 8.48
C HIS A 3 -0.54 13.70 7.37
N SER A 4 -1.20 12.63 7.04
CA SER A 4 -2.15 12.65 5.98
C SER A 4 -3.31 11.71 6.27
N MET A 5 -4.49 12.04 5.73
CA MET A 5 -5.62 11.14 5.68
C MET A 5 -5.95 10.96 4.21
N ARG A 6 -6.26 9.73 3.83
CA ARG A 6 -6.59 9.37 2.47
C ARG A 6 -7.84 8.46 2.49
N TYR A 7 -8.76 8.68 1.54
CA TYR A 7 -9.82 7.70 1.28
C TYR A 7 -9.54 7.15 -0.12
N PHE A 8 -9.66 5.83 -0.29
CA PHE A 8 -9.44 5.16 -1.57
C PHE A 8 -10.64 4.31 -1.97
N SER A 9 -10.80 4.01 -3.24
CA SER A 9 -11.83 3.07 -3.66
C SER A 9 -11.51 2.42 -4.98
N ALA A 10 -12.19 1.31 -5.22
CA ALA A 10 -11.95 0.52 -6.42
C ALA A 10 -13.28 -0.10 -6.77
N ALA A 11 -13.68 0.09 -8.02
CA ALA A 11 -14.90 -0.48 -8.57
C ALA A 11 -14.45 -1.32 -9.73
N VAL A 12 -14.78 -2.61 -9.67
CA VAL A 12 -14.24 -3.60 -10.58
C VAL A 12 -15.40 -4.38 -11.16
N SER A 13 -15.68 -4.13 -12.44
CA SER A 13 -16.75 -4.83 -13.14
C SER A 13 -16.35 -6.27 -13.46
N ARG A 14 -17.33 -7.16 -13.42
CA ARG A 14 -17.13 -8.58 -13.64
C ARG A 14 -18.38 -9.08 -14.33
N PRO A 15 -18.50 -8.77 -15.63
CA PRO A 15 -19.70 -9.11 -16.37
C PRO A 15 -20.03 -10.60 -16.40
N GLY A 16 -21.30 -10.91 -16.14
CA GLY A 16 -21.75 -12.29 -16.05
C GLY A 16 -21.42 -12.92 -14.71
N ARG A 17 -21.11 -12.09 -13.71
CA ARG A 17 -20.90 -12.54 -12.33
C ARG A 17 -21.49 -11.63 -11.26
N GLY A 18 -22.44 -10.76 -11.66
CA GLY A 18 -23.07 -9.81 -10.75
C GLY A 18 -22.65 -8.36 -10.95
N GLU A 19 -23.20 -7.49 -10.11
CA GLU A 19 -22.81 -6.07 -10.05
C GLU A 19 -21.30 -5.91 -9.86
N PRO A 20 -20.72 -4.81 -10.35
CA PRO A 20 -19.32 -4.53 -10.05
C PRO A 20 -19.03 -4.54 -8.54
N ARG A 21 -17.95 -5.18 -8.14
CA ARG A 21 -17.46 -5.07 -6.76
C ARG A 21 -16.98 -3.63 -6.45
N PHE A 22 -17.33 -3.15 -5.28
CA PHE A 22 -16.82 -1.88 -4.79
C PHE A 22 -16.23 -2.05 -3.37
N ILE A 23 -15.00 -1.53 -3.21
CA ILE A 23 -14.30 -1.52 -1.92
C ILE A 23 -13.91 -0.08 -1.64
N ALA A 24 -14.06 0.35 -0.40
CA ALA A 24 -13.60 1.70 -0.01
C ALA A 24 -12.90 1.55 1.32
N MET A 25 -11.95 2.42 1.57
CA MET A 25 -11.09 2.30 2.74
C MET A 25 -10.47 3.67 3.00
N GLY A 26 -10.32 3.99 4.30
CA GLY A 26 -9.68 5.20 4.77
C GLY A 26 -8.39 4.92 5.54
N TYR A 27 -7.40 5.80 5.37
CA TYR A 27 -6.10 5.65 6.05
C TYR A 27 -5.72 6.95 6.75
N VAL A 28 -5.04 6.84 7.88
CA VAL A 28 -4.26 7.93 8.41
C VAL A 28 -2.85 7.43 8.29
N ASP A 29 -2.04 8.14 7.49
CA ASP A 29 -0.67 7.71 7.21
C ASP A 29 -0.77 6.31 6.65
N ASP A 30 -0.12 5.32 7.26
CA ASP A 30 -0.13 3.95 6.73
C ASP A 30 -1.09 3.02 7.47
N THR A 31 -1.96 3.59 8.30
CA THR A 31 -2.86 2.78 9.12
C THR A 31 -4.25 2.88 8.55
N GLN A 32 -4.79 1.72 8.16
CA GLN A 32 -6.17 1.59 7.74
C GLN A 32 -7.09 1.67 8.97
N PHE A 33 -8.10 2.54 8.92
CA PHE A 33 -8.99 2.66 10.05
C PHE A 33 -10.45 2.36 9.72
N VAL A 34 -10.77 2.30 8.43
CA VAL A 34 -12.14 2.08 8.02
C VAL A 34 -12.25 1.33 6.68
N ARG A 35 -13.30 0.53 6.52
CA ARG A 35 -13.38 -0.36 5.37
C ARG A 35 -14.82 -0.74 5.00
N PHE A 36 -15.11 -0.70 3.70
CA PHE A 36 -16.41 -1.09 3.13
C PHE A 36 -16.18 -2.07 2.00
N ASP A 37 -16.97 -3.13 1.92
CA ASP A 37 -16.83 -4.14 0.87
C ASP A 37 -18.20 -4.66 0.42
N SER A 38 -18.56 -4.40 -0.84
CA SER A 38 -19.89 -4.79 -1.35
C SER A 38 -20.14 -6.30 -1.40
N ASP A 39 -19.08 -7.10 -1.29
CA ASP A 39 -19.18 -8.56 -1.22
C ASP A 39 -19.34 -9.12 0.22
N SER A 40 -19.26 -8.26 1.23
CA SER A 40 -19.33 -8.68 2.64
C SER A 40 -20.53 -9.48 3.16
N ALA A 41 -21.66 -9.40 2.46
CA ALA A 41 -22.90 -10.12 2.88
C ALA A 41 -23.79 -9.20 3.71
N SER A 42 -23.22 -8.07 4.12
CA SER A 42 -23.95 -6.99 4.75
C SER A 42 -23.05 -5.77 4.64
N PRO A 43 -22.89 -5.22 3.42
CA PRO A 43 -21.96 -4.10 3.19
C PRO A 43 -22.19 -2.89 4.11
N ARG A 44 -21.13 -2.51 4.80
CA ARG A 44 -21.13 -1.29 5.58
C ARG A 44 -19.71 -0.88 5.84
N MET A 45 -19.55 0.38 6.24
CA MET A 45 -18.28 0.87 6.68
C MET A 45 -17.97 0.26 8.05
N GLU A 46 -16.80 -0.37 8.19
CA GLU A 46 -16.42 -1.06 9.41
C GLU A 46 -15.10 -0.55 9.97
N PRO A 47 -14.97 -0.52 11.32
CA PRO A 47 -13.70 -0.21 11.99
C PRO A 47 -12.56 -1.14 11.54
N ARG A 48 -11.37 -0.57 11.35
CA ARG A 48 -10.14 -1.33 11.17
C ARG A 48 -9.01 -0.90 12.11
N ALA A 49 -9.28 0.08 12.97
CA ALA A 49 -8.32 0.44 14.01
C ALA A 49 -9.10 0.68 15.28
N PRO A 50 -8.49 0.44 16.43
CA PRO A 50 -9.28 0.51 17.68
C PRO A 50 -9.76 1.92 18.00
N TRP A 51 -9.00 2.92 17.58
CA TRP A 51 -9.28 4.32 17.92
C TRP A 51 -10.47 4.93 17.20
N VAL A 52 -10.99 4.29 16.16
CA VAL A 52 -12.16 4.83 15.44
C VAL A 52 -13.43 4.22 15.98
N GLU A 53 -13.29 3.13 16.74
CA GLU A 53 -14.46 2.42 17.29
C GLU A 53 -15.23 3.22 18.34
N GLN A 54 -14.64 4.30 18.84
CA GLN A 54 -15.33 5.17 19.78
C GLN A 54 -16.27 6.16 19.09
N GLU A 55 -16.31 6.16 17.76
CA GLU A 55 -17.29 7.01 17.08
C GLU A 55 -18.68 6.39 17.25
N GLY A 56 -19.68 7.24 17.47
CA GLY A 56 -21.04 6.79 17.76
C GLY A 56 -21.77 6.38 16.50
N PRO A 57 -23.01 5.86 16.64
CA PRO A 57 -23.85 5.35 15.54
C PRO A 57 -24.18 6.35 14.43
N GLU A 58 -24.17 7.64 14.73
CA GLU A 58 -24.45 8.66 13.72
C GLU A 58 -23.31 8.72 12.68
N TYR A 59 -22.08 8.65 13.18
CA TYR A 59 -20.91 8.60 12.32
C TYR A 59 -20.94 7.36 11.40
N TRP A 60 -21.20 6.19 11.97
CA TRP A 60 -21.19 4.94 11.18
C TRP A 60 -22.34 4.94 10.19
N GLU A 61 -23.51 5.46 10.62
CA GLU A 61 -24.66 5.55 9.73
C GLU A 61 -24.40 6.46 8.55
N GLU A 62 -23.81 7.62 8.79
CA GLU A 62 -23.45 8.56 7.71
C GLU A 62 -22.30 8.07 6.81
N GLU A 63 -21.29 7.41 7.41
CA GLU A 63 -20.17 6.88 6.61
C GLU A 63 -20.62 5.74 5.70
N THR A 64 -21.45 4.86 6.25
CA THR A 64 -22.07 3.78 5.48
C THR A 64 -23.03 4.34 4.44
N ARG A 65 -23.76 5.39 4.77
CA ARG A 65 -24.72 5.98 3.84
C ARG A 65 -23.99 6.61 2.64
N ASN A 66 -22.96 7.41 2.92
CA ASN A 66 -22.22 8.12 1.89
C ASN A 66 -21.43 7.19 0.98
N THR A 67 -20.89 6.12 1.57
CA THR A 67 -20.09 5.16 0.86
C THR A 67 -20.93 4.29 -0.08
N LYS A 68 -22.12 3.90 0.35
CA LYS A 68 -23.10 3.24 -0.54
C LYS A 68 -23.48 4.14 -1.74
N ALA A 69 -23.71 5.42 -1.46
CA ALA A 69 -23.91 6.42 -2.54
C ALA A 69 -22.74 6.43 -3.51
N HIS A 70 -21.52 6.34 -2.99
CA HIS A 70 -20.31 6.38 -3.83
C HIS A 70 -20.20 5.10 -4.67
N ALA A 71 -20.48 3.95 -4.07
CA ALA A 71 -20.53 2.65 -4.78
C ALA A 71 -21.43 2.75 -6.00
N GLN A 72 -22.65 3.20 -5.80
CA GLN A 72 -23.59 3.37 -6.91
C GLN A 72 -23.13 4.40 -7.94
N THR A 73 -22.55 5.49 -7.48
CA THR A 73 -22.00 6.47 -8.40
C THR A 73 -20.82 5.93 -9.22
N ASP A 74 -19.97 5.10 -8.62
CA ASP A 74 -18.81 4.61 -9.33
C ASP A 74 -19.19 3.44 -10.26
N ARG A 75 -20.23 2.71 -9.91
CA ARG A 75 -20.83 1.74 -10.85
C ARG A 75 -21.38 2.43 -12.08
N MET A 76 -21.99 3.59 -11.88
CA MET A 76 -22.50 4.39 -13.00
C MET A 76 -21.33 4.93 -13.80
N ASN A 77 -20.27 5.34 -13.11
CA ASN A 77 -19.06 5.83 -13.78
C ASN A 77 -18.34 4.79 -14.65
N LEU A 78 -18.35 3.52 -14.21
CA LEU A 78 -17.90 2.40 -15.02
C LEU A 78 -18.71 2.31 -16.33
N GLN A 79 -20.01 2.46 -16.25
CA GLN A 79 -20.87 2.39 -17.43
C GLN A 79 -20.53 3.56 -18.38
N THR A 80 -20.45 4.76 -17.81
CA THR A 80 -20.18 5.97 -18.56
C THR A 80 -18.83 5.92 -19.26
N LEU A 81 -17.80 5.47 -18.57
CA LEU A 81 -16.47 5.39 -19.15
C LEU A 81 -16.34 4.26 -20.17
N ARG A 82 -17.03 3.15 -19.98
CA ARG A 82 -17.05 2.08 -20.99
C ARG A 82 -17.54 2.62 -22.35
N GLY A 83 -18.56 3.47 -22.30
CA GLY A 83 -19.06 4.16 -23.47
C GLY A 83 -18.04 5.11 -24.09
N TYR A 84 -17.43 5.97 -23.28
CA TYR A 84 -16.42 6.92 -23.78
C TYR A 84 -15.34 6.23 -24.60
N TYR A 85 -14.93 5.05 -24.17
CA TYR A 85 -13.91 4.29 -24.89
C TYR A 85 -14.52 3.29 -25.87
N ASN A 86 -15.85 3.18 -25.88
CA ASN A 86 -16.54 2.25 -26.76
C ASN A 86 -16.06 0.83 -26.53
N GLN A 87 -16.08 0.41 -25.28
CA GLN A 87 -15.66 -0.94 -24.91
C GLN A 87 -16.89 -1.82 -24.76
N SER A 88 -16.68 -3.12 -24.88
CA SER A 88 -17.80 -4.05 -24.94
C SER A 88 -18.31 -4.33 -23.54
N GLU A 89 -19.59 -4.67 -23.46
CA GLU A 89 -20.25 -5.04 -22.20
C GLU A 89 -19.65 -6.31 -21.59
N ALA A 90 -19.08 -7.16 -22.44
CA ALA A 90 -18.49 -8.43 -22.01
C ALA A 90 -17.17 -8.27 -21.25
N SER A 91 -16.54 -7.09 -21.35
CA SER A 91 -15.19 -6.87 -20.78
C SER A 91 -15.21 -6.24 -19.38
N SER A 92 -14.15 -6.52 -18.64
CA SER A 92 -13.97 -6.08 -17.26
C SER A 92 -13.07 -4.87 -17.15
N HIS A 93 -13.38 -3.99 -16.19
CA HIS A 93 -12.65 -2.74 -16.02
C HIS A 93 -12.59 -2.34 -14.56
N THR A 94 -11.59 -1.51 -14.26
CA THR A 94 -11.33 -1.00 -12.90
C THR A 94 -11.35 0.53 -12.87
N LEU A 95 -12.10 1.10 -11.97
CA LEU A 95 -12.10 2.53 -11.73
C LEU A 95 -11.62 2.69 -10.31
N GLN A 96 -10.48 3.35 -10.14
CA GLN A 96 -9.91 3.57 -8.83
C GLN A 96 -9.95 5.05 -8.48
N TRP A 97 -10.06 5.33 -7.19
CA TRP A 97 -10.15 6.70 -6.73
C TRP A 97 -9.36 6.94 -5.45
N MET A 98 -8.91 8.18 -5.32
CA MET A 98 -8.10 8.59 -4.17
C MET A 98 -8.51 10.02 -3.86
N ILE A 99 -8.80 10.28 -2.58
CA ILE A 99 -8.92 11.65 -2.06
C ILE A 99 -8.09 11.79 -0.78
N GLY A 100 -7.44 12.94 -0.59
CA GLY A 100 -6.69 13.18 0.64
C GLY A 100 -6.09 14.55 0.93
N CYS A 101 -5.73 14.73 2.19
CA CYS A 101 -5.11 15.97 2.69
C CYS A 101 -3.80 15.69 3.41
N ASP A 102 -2.82 16.58 3.23
CA ASP A 102 -1.55 16.53 3.95
C ASP A 102 -1.48 17.76 4.83
N LEU A 103 -1.13 17.59 6.11
CA LEU A 103 -1.19 18.72 7.06
C LEU A 103 0.08 19.57 7.08
N GLY A 104 1.21 18.90 7.30
CA GLY A 104 2.50 19.59 7.49
C GLY A 104 2.79 19.79 8.98
N SER A 105 4.03 19.52 9.38
CA SER A 105 4.44 19.58 10.79
C SER A 105 3.62 20.64 11.52
N ASP A 106 3.72 21.88 11.05
CA ASP A 106 2.68 22.93 11.21
C ASP A 106 3.07 24.06 10.25
N GLY A 107 2.13 24.64 9.49
CA GLY A 107 0.76 24.13 9.32
C GLY A 107 -0.42 25.09 9.11
N ARG A 108 -1.60 24.60 8.79
CA ARG A 108 -1.82 23.21 8.45
C ARG A 108 -2.23 23.15 6.99
N LEU A 109 -2.38 21.94 6.51
CA LEU A 109 -2.76 21.60 5.10
C LEU A 109 -1.83 22.13 4.02
N ILE A 110 -0.68 21.48 3.80
CA ILE A 110 0.16 21.85 2.66
C ILE A 110 -0.44 21.40 1.34
N ARG A 111 -1.31 20.39 1.34
CA ARG A 111 -1.74 19.77 0.08
C ARG A 111 -3.04 18.96 0.14
N GLY A 112 -3.96 19.31 -0.76
CA GLY A 112 -5.13 18.48 -1.06
C GLY A 112 -4.97 17.78 -2.41
N TYR A 113 -5.72 16.69 -2.59
CA TYR A 113 -5.58 15.71 -3.68
C TYR A 113 -6.92 15.10 -4.02
N GLU A 114 -7.17 14.85 -5.31
CA GLU A 114 -8.26 13.95 -5.67
C GLU A 114 -8.04 13.47 -7.08
N ARG A 115 -8.07 12.14 -7.27
CA ARG A 115 -7.68 11.53 -8.54
C ARG A 115 -8.51 10.27 -8.81
N TYR A 116 -8.74 10.02 -10.10
CA TYR A 116 -9.34 8.82 -10.58
C TYR A 116 -8.39 8.14 -11.57
N ALA A 117 -8.35 6.81 -11.56
CA ALA A 117 -7.60 6.01 -12.54
C ALA A 117 -8.55 5.00 -13.13
N TYR A 118 -8.38 4.74 -14.44
CA TYR A 118 -9.23 3.82 -15.15
C TYR A 118 -8.36 2.80 -15.84
N ASP A 119 -8.54 1.53 -15.49
CA ASP A 119 -7.69 0.47 -15.97
C ASP A 119 -6.21 0.75 -15.80
N GLY A 120 -5.85 1.17 -14.57
CA GLY A 120 -4.46 1.42 -14.19
C GLY A 120 -3.86 2.73 -14.68
N LYS A 121 -4.61 3.47 -15.50
CA LYS A 121 -4.12 4.66 -16.19
C LYS A 121 -4.73 5.90 -15.52
N ASP A 122 -3.89 6.90 -15.26
CA ASP A 122 -4.35 8.24 -14.86
C ASP A 122 -5.45 8.81 -15.73
N TYR A 123 -6.57 9.22 -15.11
CA TYR A 123 -7.80 9.59 -15.84
C TYR A 123 -8.15 11.09 -15.69
N LEU A 124 -8.40 11.51 -14.45
CA LEU A 124 -8.77 12.89 -14.10
C LEU A 124 -8.20 13.17 -12.71
N ALA A 125 -7.62 14.35 -12.52
CA ALA A 125 -7.06 14.77 -11.24
C ALA A 125 -7.47 16.20 -10.96
N LEU A 126 -7.66 16.50 -9.67
CA LEU A 126 -7.83 17.85 -9.19
C LEU A 126 -6.44 18.41 -9.04
N ASN A 127 -6.17 19.61 -9.57
CA ASN A 127 -4.84 20.21 -9.48
C ASN A 127 -4.58 20.76 -8.08
N GLU A 128 -3.31 20.98 -7.76
CA GLU A 128 -2.91 21.47 -6.46
C GLU A 128 -3.62 22.76 -6.02
N ASP A 129 -4.00 23.61 -6.98
CA ASP A 129 -4.71 24.85 -6.66
C ASP A 129 -6.13 24.58 -6.20
N LEU A 130 -6.58 23.35 -6.40
CA LEU A 130 -7.90 22.84 -6.00
C LEU A 130 -9.04 23.65 -6.64
N ARG A 131 -8.76 24.17 -7.82
CA ARG A 131 -9.72 25.01 -8.55
C ARG A 131 -9.83 24.64 -10.03
N SER A 132 -9.21 23.53 -10.41
CA SER A 132 -8.96 23.22 -11.80
C SER A 132 -8.55 21.77 -11.90
N TRP A 133 -8.75 21.19 -13.08
CA TRP A 133 -8.58 19.74 -13.31
C TRP A 133 -7.57 19.45 -14.41
N THR A 134 -6.90 18.31 -14.30
CA THR A 134 -6.04 17.80 -15.37
C THR A 134 -6.59 16.45 -15.79
N ALA A 135 -6.88 16.35 -17.09
CA ALA A 135 -7.46 15.19 -17.71
C ALA A 135 -6.38 14.50 -18.55
N ALA A 136 -6.26 13.18 -18.44
CA ALA A 136 -5.16 12.42 -19.08
C ALA A 136 -5.36 12.11 -20.55
N ASP A 137 -6.59 12.18 -21.03
CA ASP A 137 -6.88 11.93 -22.46
C ASP A 137 -8.18 12.62 -22.88
N THR A 138 -8.67 12.30 -24.09
CA THR A 138 -9.86 12.97 -24.63
C THR A 138 -11.15 12.56 -23.93
N ALA A 139 -11.25 11.29 -23.57
CA ALA A 139 -12.40 10.80 -22.81
C ALA A 139 -12.55 11.65 -21.55
N ALA A 140 -11.44 11.77 -20.81
CA ALA A 140 -11.37 12.44 -19.53
C ALA A 140 -11.72 13.92 -19.64
N GLN A 141 -11.41 14.49 -20.79
CA GLN A 141 -11.82 15.87 -21.09
C GLN A 141 -13.34 16.09 -20.98
N ILE A 142 -14.13 15.07 -21.30
CA ILE A 142 -15.58 15.13 -21.13
C ILE A 142 -15.95 15.23 -19.64
N SER A 143 -15.30 14.40 -18.83
CA SER A 143 -15.46 14.46 -17.37
C SER A 143 -15.01 15.79 -16.76
N LYS A 144 -13.89 16.30 -17.26
CA LYS A 144 -13.35 17.57 -16.86
C LYS A 144 -14.30 18.72 -17.15
N ARG A 145 -14.76 18.81 -18.39
CA ARG A 145 -15.74 19.81 -18.78
C ARG A 145 -17.03 19.73 -17.96
N LYS A 146 -17.45 18.52 -17.62
CA LYS A 146 -18.63 18.31 -16.79
C LYS A 146 -18.43 18.87 -15.35
N CYS A 147 -17.25 18.65 -14.78
CA CYS A 147 -16.90 19.17 -13.46
C CYS A 147 -16.75 20.67 -13.47
N GLU A 148 -16.15 21.19 -14.51
CA GLU A 148 -16.07 22.65 -14.71
C GLU A 148 -17.44 23.29 -14.77
N ALA A 149 -18.32 22.76 -15.61
CA ALA A 149 -19.64 23.36 -15.79
C ALA A 149 -20.53 23.23 -14.54
N ALA A 150 -20.32 22.19 -13.77
CA ALA A 150 -21.11 21.97 -12.55
C ALA A 150 -20.43 22.58 -11.32
N ASN A 151 -19.27 23.22 -11.55
CA ASN A 151 -18.47 23.88 -10.50
C ASN A 151 -18.01 22.98 -9.36
N VAL A 152 -17.71 21.71 -9.63
CA VAL A 152 -17.54 20.75 -8.53
C VAL A 152 -16.28 21.00 -7.68
N ALA A 153 -15.26 21.61 -8.29
CA ALA A 153 -13.98 21.88 -7.62
C ALA A 153 -14.21 22.54 -6.27
N GLU A 154 -15.04 23.56 -6.26
CA GLU A 154 -15.34 24.30 -5.03
C GLU A 154 -15.88 23.40 -3.92
N GLN A 155 -16.65 22.40 -4.27
CA GLN A 155 -17.19 21.47 -3.26
C GLN A 155 -16.11 20.53 -2.74
N ARG A 156 -15.17 20.16 -3.61
CA ARG A 156 -14.07 19.29 -3.21
C ARG A 156 -13.12 20.04 -2.31
N ARG A 157 -12.84 21.29 -2.67
CA ARG A 157 -11.94 22.16 -1.92
C ARG A 157 -12.48 22.36 -0.50
N ALA A 158 -13.79 22.48 -0.36
CA ALA A 158 -14.45 22.68 0.93
C ALA A 158 -14.28 21.47 1.85
N TYR A 159 -14.39 20.26 1.28
CA TYR A 159 -14.10 19.05 2.04
C TYR A 159 -12.62 18.97 2.42
N LEU A 160 -11.74 19.24 1.45
CA LEU A 160 -10.29 19.18 1.68
C LEU A 160 -9.77 20.22 2.70
N GLU A 161 -10.25 21.45 2.61
CA GLU A 161 -9.81 22.50 3.48
C GLU A 161 -10.48 22.43 4.85
N GLY A 162 -11.71 21.95 4.89
CA GLY A 162 -12.47 21.90 6.14
C GLY A 162 -12.47 20.51 6.75
N THR A 163 -13.41 19.69 6.32
CA THR A 163 -13.66 18.37 6.92
C THR A 163 -12.45 17.43 6.99
N CYS A 164 -11.67 17.36 5.93
CA CYS A 164 -10.53 16.47 5.88
C CYS A 164 -9.49 16.84 6.95
N VAL A 165 -9.25 18.13 7.09
CA VAL A 165 -8.26 18.63 8.03
C VAL A 165 -8.77 18.39 9.46
N GLU A 166 -9.99 18.79 9.73
CA GLU A 166 -10.52 18.68 11.10
C GLU A 166 -10.58 17.25 11.61
N TRP A 167 -11.04 16.33 10.79
CA TRP A 167 -11.16 14.94 11.21
C TRP A 167 -9.81 14.24 11.32
N LEU A 168 -8.85 14.62 10.47
CA LEU A 168 -7.49 14.14 10.59
C LEU A 168 -6.95 14.50 11.97
N HIS A 169 -7.16 15.75 12.39
CA HIS A 169 -6.79 16.18 13.74
C HIS A 169 -7.48 15.39 14.83
N ARG A 170 -8.76 15.09 14.64
CA ARG A 170 -9.48 14.27 15.59
C ARG A 170 -8.85 12.91 15.75
N TYR A 171 -8.62 12.24 14.62
CA TYR A 171 -8.08 10.88 14.61
C TYR A 171 -6.66 10.77 15.16
N LEU A 172 -5.87 11.80 14.88
CA LEU A 172 -4.50 11.90 15.39
C LEU A 172 -4.48 12.05 16.90
N GLU A 173 -5.49 12.71 17.46
CA GLU A 173 -5.64 12.77 18.92
C GLU A 173 -6.21 11.48 19.50
N ASN A 174 -7.29 10.98 18.95
CA ASN A 174 -7.90 9.73 19.48
C ASN A 174 -7.01 8.48 19.35
N GLY A 175 -6.21 8.40 18.30
CA GLY A 175 -5.26 7.31 18.15
C GLY A 175 -3.82 7.73 18.34
N LYS A 176 -3.59 8.72 19.21
CA LYS A 176 -2.27 9.32 19.43
C LYS A 176 -1.15 8.31 19.64
N GLU A 177 -1.44 7.22 20.34
CA GLU A 177 -0.40 6.24 20.68
C GLU A 177 -0.02 5.38 19.48
N MET A 178 -1.00 5.09 18.64
CA MET A 178 -0.79 4.31 17.42
C MET A 178 -0.27 5.19 16.28
N LEU A 179 -0.71 6.44 16.21
CA LEU A 179 -0.50 7.27 15.03
C LEU A 179 0.64 8.25 15.18
N GLN A 180 0.79 8.83 16.37
CA GLN A 180 1.85 9.81 16.60
C GLN A 180 3.03 9.17 17.32
N ARG A 181 3.28 7.88 17.08
CA ARG A 181 4.52 7.27 17.51
C ARG A 181 5.50 7.37 16.34
N ALA A 182 6.72 6.93 16.59
CA ALA A 182 7.73 6.90 15.56
C ALA A 182 8.71 5.81 15.89
N ASP A 183 8.22 4.57 15.92
CA ASP A 183 9.08 3.44 16.25
C ASP A 183 10.31 3.46 15.34
N PRO A 184 11.51 3.70 15.92
CA PRO A 184 12.70 3.58 15.08
C PRO A 184 12.98 2.11 14.71
N PRO A 185 13.71 1.88 13.61
CA PRO A 185 14.07 0.52 13.23
C PRO A 185 15.12 -0.10 14.13
N LYS A 186 14.98 -1.39 14.40
CA LYS A 186 16.09 -2.17 14.92
C LYS A 186 16.97 -2.53 13.71
N THR A 187 18.26 -2.25 13.81
CA THR A 187 19.14 -2.37 12.69
C THR A 187 20.36 -3.23 13.00
N HIS A 188 20.75 -4.03 12.00
CA HIS A 188 21.96 -4.81 12.04
C HIS A 188 22.42 -5.09 10.61
N VAL A 189 23.68 -5.49 10.47
CA VAL A 189 24.28 -5.83 9.20
C VAL A 189 24.63 -7.32 9.23
N THR A 190 24.19 -8.07 8.22
CA THR A 190 24.60 -9.47 8.08
C THR A 190 25.70 -9.61 7.01
N HIS A 191 26.50 -10.63 7.18
CA HIS A 191 27.67 -10.89 6.35
C HIS A 191 27.55 -12.25 5.69
N HIS A 192 27.70 -12.30 4.38
CA HIS A 192 27.56 -13.57 3.66
C HIS A 192 28.77 -13.79 2.74
N PRO A 193 29.79 -14.48 3.26
CA PRO A 193 30.99 -14.81 2.51
C PRO A 193 30.79 -15.62 1.25
N VAL A 194 31.71 -15.42 0.30
CA VAL A 194 31.87 -16.28 -0.86
C VAL A 194 33.37 -16.55 -0.97
N PHE A 195 33.78 -17.77 -0.61
CA PHE A 195 35.21 -18.08 -0.56
C PHE A 195 35.90 -17.77 -1.89
N ASP A 196 36.98 -17.00 -1.86
CA ASP A 196 37.42 -16.22 -0.69
C ASP A 196 37.64 -14.79 -1.18
N TYR A 197 36.77 -14.39 -2.12
CA TYR A 197 36.99 -13.21 -2.96
C TYR A 197 36.03 -12.07 -2.65
N GLU A 198 34.79 -12.41 -2.32
CA GLU A 198 33.85 -11.38 -1.94
C GLU A 198 32.79 -11.84 -0.93
N ALA A 199 32.04 -10.86 -0.44
CA ALA A 199 30.92 -11.13 0.43
C ALA A 199 29.81 -10.12 0.20
N THR A 200 28.63 -10.47 0.67
CA THR A 200 27.45 -9.62 0.57
C THR A 200 27.19 -9.04 1.95
N LEU A 201 27.07 -7.72 1.99
CA LEU A 201 26.70 -7.00 3.20
C LEU A 201 25.23 -6.63 3.07
N ARG A 202 24.42 -7.04 4.05
CA ARG A 202 22.99 -6.72 4.03
C ARG A 202 22.61 -5.88 5.24
N CYS A 203 22.19 -4.65 4.97
CA CYS A 203 21.72 -3.71 5.99
C CYS A 203 20.25 -3.91 6.19
N TRP A 204 19.88 -4.33 7.41
CA TRP A 204 18.53 -4.59 7.82
C TRP A 204 17.95 -3.46 8.67
N ALA A 205 16.73 -3.03 8.31
CA ALA A 205 15.93 -2.15 9.12
C ALA A 205 14.64 -2.91 9.45
N LEU A 206 14.35 -3.07 10.74
CA LEU A 206 13.25 -3.91 11.20
C LEU A 206 12.37 -3.25 12.29
N GLY A 207 11.08 -3.57 12.28
CA GLY A 207 10.11 -3.08 13.28
C GLY A 207 9.88 -1.57 13.38
N PHE A 208 9.87 -0.90 12.23
CA PHE A 208 9.77 0.58 12.23
C PHE A 208 8.42 1.09 11.75
N TYR A 209 8.07 2.28 12.24
CA TYR A 209 6.83 2.93 11.86
C TYR A 209 7.02 4.43 11.95
N PRO A 210 6.52 5.19 10.96
CA PRO A 210 5.86 4.77 9.72
C PRO A 210 6.79 4.16 8.66
N ALA A 211 6.25 3.84 7.49
CA ALA A 211 6.98 3.20 6.38
C ALA A 211 8.17 4.00 5.81
N GLU A 212 8.05 5.32 5.77
CA GLU A 212 9.07 6.16 5.15
C GLU A 212 10.41 5.92 5.85
N ILE A 213 11.37 5.40 5.10
CA ILE A 213 12.73 5.12 5.57
C ILE A 213 13.71 5.25 4.39
N ILE A 214 14.98 5.51 4.71
CA ILE A 214 16.02 5.57 3.69
C ILE A 214 17.24 4.79 4.15
N LEU A 215 17.59 3.78 3.35
CA LEU A 215 18.77 2.97 3.58
C LEU A 215 19.72 3.24 2.43
N THR A 216 20.99 3.45 2.75
CA THR A 216 22.00 3.62 1.71
C THR A 216 23.37 3.10 2.17
N TRP A 217 24.03 2.37 1.28
CA TRP A 217 25.39 1.89 1.51
C TRP A 217 26.40 2.86 0.92
N GLN A 218 27.53 3.04 1.58
CA GLN A 218 28.60 3.92 1.10
C GLN A 218 29.98 3.29 1.36
N ARG A 219 30.93 3.57 0.47
CA ARG A 219 32.31 3.09 0.61
C ARG A 219 33.30 4.24 0.72
N ASP A 220 33.93 4.35 1.89
CA ASP A 220 34.93 5.38 2.22
C ASP A 220 34.47 6.71 2.91
N GLY A 221 33.20 7.13 2.89
CA GLY A 221 32.09 6.58 2.10
C GLY A 221 31.55 7.52 1.04
N GLU A 222 31.40 7.03 -0.19
CA GLU A 222 30.98 7.88 -1.32
C GLU A 222 29.83 7.26 -2.18
N ASP A 223 28.98 6.46 -1.55
CA ASP A 223 27.60 6.12 -2.02
C ASP A 223 27.23 5.47 -3.38
N GLN A 224 27.21 4.14 -3.43
CA GLN A 224 26.80 3.43 -4.63
C GLN A 224 25.41 2.78 -4.60
N THR A 225 24.46 3.40 -5.30
CA THR A 225 23.14 2.82 -5.57
C THR A 225 23.09 1.77 -6.71
N GLN A 226 23.98 1.89 -7.70
CA GLN A 226 23.93 1.02 -8.88
C GLN A 226 24.07 -0.48 -8.58
N ASP A 227 24.99 -0.83 -7.69
CA ASP A 227 25.25 -2.24 -7.39
C ASP A 227 24.46 -2.72 -6.18
N VAL A 228 23.75 -1.79 -5.55
CA VAL A 228 22.96 -2.10 -4.36
C VAL A 228 21.63 -2.74 -4.74
N GLU A 229 21.30 -3.83 -4.04
CA GLU A 229 19.97 -4.40 -4.10
C GLU A 229 19.14 -3.84 -2.93
N LEU A 230 18.06 -3.15 -3.26
CA LEU A 230 17.20 -2.53 -2.26
C LEU A 230 15.81 -3.13 -2.43
N VAL A 231 15.33 -3.89 -1.45
CA VAL A 231 13.96 -4.38 -1.54
C VAL A 231 12.95 -3.29 -1.24
N GLU A 232 11.73 -3.51 -1.73
CA GLU A 232 10.62 -2.67 -1.44
C GLU A 232 10.29 -2.84 0.02
N THR A 233 9.94 -1.72 0.66
CA THR A 233 9.54 -1.73 2.05
C THR A 233 8.26 -2.53 2.23
N ARG A 234 8.25 -3.43 3.20
CA ARG A 234 7.20 -4.44 3.31
C ARG A 234 6.59 -4.48 4.71
N PRO A 235 5.32 -4.86 4.82
CA PRO A 235 4.66 -5.00 6.15
C PRO A 235 5.10 -6.24 6.93
N ALA A 236 5.33 -6.07 8.23
CA ALA A 236 5.68 -7.20 9.10
C ALA A 236 4.45 -8.03 9.48
N GLY A 237 3.29 -7.40 9.46
CA GLY A 237 2.04 -8.08 9.83
C GLY A 237 1.51 -7.57 11.15
N ASP A 238 2.40 -7.01 11.96
CA ASP A 238 2.08 -6.46 13.29
C ASP A 238 2.00 -4.91 13.29
N GLY A 239 1.85 -4.30 12.12
CA GLY A 239 1.75 -2.84 12.02
C GLY A 239 3.05 -2.13 11.67
N THR A 240 4.19 -2.77 11.95
CA THR A 240 5.50 -2.16 11.67
C THR A 240 5.99 -2.54 10.26
N PHE A 241 7.05 -1.90 9.78
CA PHE A 241 7.58 -2.22 8.46
C PHE A 241 9.00 -2.73 8.49
N GLN A 242 9.43 -3.28 7.34
CA GLN A 242 10.77 -3.88 7.15
C GLN A 242 11.42 -3.47 5.83
N LYS A 243 12.75 -3.46 5.80
CA LYS A 243 13.48 -3.18 4.55
C LYS A 243 14.93 -3.58 4.69
N TRP A 244 15.57 -3.95 3.58
CA TRP A 244 17.01 -4.16 3.57
C TRP A 244 17.65 -3.69 2.29
N ALA A 245 18.97 -3.48 2.39
CA ALA A 245 19.83 -3.01 1.30
C ALA A 245 21.10 -3.84 1.35
N ALA A 246 21.40 -4.52 0.25
CA ALA A 246 22.54 -5.42 0.15
C ALA A 246 23.57 -4.88 -0.83
N VAL A 247 24.84 -5.13 -0.53
CA VAL A 247 25.94 -4.80 -1.43
C VAL A 247 27.02 -5.88 -1.38
N VAL A 248 27.47 -6.30 -2.55
CA VAL A 248 28.53 -7.29 -2.70
C VAL A 248 29.90 -6.60 -2.72
N VAL A 249 30.70 -6.81 -1.68
CA VAL A 249 32.02 -6.17 -1.56
C VAL A 249 33.20 -7.16 -1.69
N PRO A 250 34.40 -6.66 -2.01
CA PRO A 250 35.56 -7.55 -2.02
C PRO A 250 35.88 -8.05 -0.62
N SER A 251 36.43 -9.26 -0.52
CA SER A 251 36.73 -9.81 0.81
C SER A 251 37.92 -9.09 1.44
N GLY A 252 37.84 -8.89 2.76
CA GLY A 252 38.83 -8.14 3.51
C GLY A 252 38.58 -6.64 3.48
N GLU A 253 37.46 -6.24 2.87
CA GLU A 253 37.17 -4.86 2.53
C GLU A 253 35.94 -4.32 3.28
N GLU A 254 35.43 -5.11 4.23
CA GLU A 254 34.10 -4.86 4.79
C GLU A 254 34.00 -3.61 5.64
N GLN A 255 35.06 -3.31 6.40
CA GLN A 255 35.07 -2.13 7.28
C GLN A 255 35.31 -0.79 6.54
N ARG A 256 35.44 -0.83 5.22
CA ARG A 256 35.46 0.39 4.40
C ARG A 256 34.06 0.78 3.95
N TYR A 257 33.06 -0.06 4.23
CA TYR A 257 31.67 0.21 3.85
C TYR A 257 30.82 0.51 5.09
N THR A 258 29.84 1.41 4.92
CA THR A 258 28.95 1.81 6.00
C THR A 258 27.53 1.99 5.47
N CYS A 259 26.56 1.54 6.27
CA CYS A 259 25.15 1.69 5.93
C CYS A 259 24.53 2.88 6.66
N HIS A 260 23.90 3.77 5.90
CA HIS A 260 23.18 4.92 6.46
C HIS A 260 21.69 4.64 6.57
N VAL A 261 21.11 4.92 7.74
CA VAL A 261 19.66 4.80 7.95
C VAL A 261 19.05 6.10 8.46
N GLN A 262 18.05 6.60 7.74
CA GLN A 262 17.30 7.79 8.13
C GLN A 262 15.83 7.43 8.30
N HIS A 263 15.23 7.86 9.40
CA HIS A 263 13.85 7.52 9.75
C HIS A 263 13.36 8.46 10.86
N GLU A 264 12.10 8.85 10.82
CA GLU A 264 11.53 9.86 11.73
C GLU A 264 11.79 9.58 13.22
N GLY A 265 11.69 8.31 13.59
CA GLY A 265 11.96 7.86 14.94
C GLY A 265 13.41 7.92 15.41
N LEU A 266 14.31 8.27 14.51
CA LEU A 266 15.73 8.35 14.85
C LEU A 266 15.99 9.72 15.47
N PRO A 267 16.97 9.78 16.36
CA PRO A 267 17.49 11.04 16.89
C PRO A 267 17.92 12.41 16.28
N GLU A 268 18.92 12.41 15.46
CA GLU A 268 20.05 11.58 14.91
C GLU A 268 20.50 10.27 14.12
N PRO A 269 20.39 10.47 12.73
CA PRO A 269 20.53 9.33 11.81
C PRO A 269 21.66 8.33 12.05
N LEU A 270 21.44 7.13 11.58
CA LEU A 270 22.25 5.98 12.01
C LEU A 270 23.32 5.56 10.98
N MET A 271 24.49 5.19 11.47
CA MET A 271 25.58 4.71 10.63
C MET A 271 26.02 3.34 11.12
N LEU A 272 26.03 2.36 10.23
CA LEU A 272 26.31 0.97 10.60
C LEU A 272 27.50 0.41 9.83
N ARG A 273 28.14 -0.59 10.42
CA ARG A 273 29.37 -1.19 9.89
C ARG A 273 29.42 -2.65 10.36
N TRP A 274 29.95 -3.56 9.57
CA TRP A 274 29.94 -4.99 9.93
C TRP A 274 30.98 -5.42 10.96
N LYS A 275 30.51 -5.86 12.14
CA LYS A 275 31.29 -6.75 13.01
C LYS A 275 30.40 -7.30 14.13
N MET B 1 -3.98 -2.90 -22.98
CA MET B 1 -4.21 -2.42 -21.58
C MET B 1 -2.92 -2.35 -20.75
N ILE B 2 -2.96 -1.55 -19.68
CA ILE B 2 -1.97 -1.61 -18.61
C ILE B 2 -2.02 -2.96 -17.93
N GLN B 3 -0.89 -3.63 -17.81
CA GLN B 3 -0.79 -4.90 -17.10
C GLN B 3 0.51 -4.84 -16.29
N ARG B 4 0.46 -5.18 -15.01
CA ARG B 4 1.65 -5.15 -14.19
C ARG B 4 1.69 -6.42 -13.38
N THR B 5 2.82 -7.09 -13.46
CA THR B 5 2.95 -8.42 -12.88
C THR B 5 3.33 -8.26 -11.41
N PRO B 6 2.79 -9.11 -10.54
CA PRO B 6 3.13 -8.92 -9.12
C PRO B 6 4.64 -9.04 -8.78
N LYS B 7 5.10 -8.16 -7.89
CA LYS B 7 6.34 -8.34 -7.17
C LYS B 7 5.98 -9.19 -5.95
N ILE B 8 6.86 -10.11 -5.58
CA ILE B 8 6.61 -11.10 -4.55
C ILE B 8 7.75 -11.08 -3.55
N GLN B 9 7.45 -11.02 -2.25
CA GLN B 9 8.44 -11.24 -1.20
C GLN B 9 7.94 -12.23 -0.16
N VAL B 10 8.82 -13.16 0.18
CA VAL B 10 8.58 -14.20 1.17
C VAL B 10 9.56 -13.97 2.30
N TYR B 11 9.04 -13.84 3.51
CA TYR B 11 9.84 -13.46 4.66
C TYR B 11 9.05 -13.70 5.95
N SER B 12 9.77 -13.85 7.05
CA SER B 12 9.14 -14.04 8.36
C SER B 12 8.94 -12.70 9.08
N ARG B 13 7.92 -12.63 9.93
CA ARG B 13 7.69 -11.44 10.74
C ARG B 13 8.90 -11.12 11.61
N HIS B 14 9.44 -12.18 12.21
CA HIS B 14 10.57 -12.10 13.13
C HIS B 14 11.71 -12.94 12.55
N PRO B 15 12.91 -12.80 13.13
CA PRO B 15 14.05 -13.66 12.79
C PRO B 15 13.70 -15.15 12.75
N ALA B 16 14.26 -15.89 11.78
CA ALA B 16 13.97 -17.31 11.65
C ALA B 16 14.78 -18.10 12.66
N GLU B 17 14.08 -18.92 13.46
CA GLU B 17 14.73 -19.75 14.47
C GLU B 17 14.02 -21.11 14.55
N ASN B 18 14.69 -22.14 14.05
CA ASN B 18 14.14 -23.49 14.09
C ASN B 18 13.59 -23.85 15.47
N GLY B 19 12.45 -24.53 15.47
CA GLY B 19 11.74 -24.86 16.70
C GLY B 19 10.78 -23.76 17.13
N LYS B 20 11.22 -22.51 17.09
CA LYS B 20 10.46 -21.38 17.61
C LYS B 20 9.41 -20.82 16.61
N SER B 21 8.37 -20.20 17.16
CA SER B 21 7.24 -19.77 16.36
C SER B 21 7.40 -18.39 15.72
N ASN B 22 6.84 -18.27 14.53
CA ASN B 22 6.95 -17.07 13.73
C ASN B 22 5.72 -16.96 12.81
N PHE B 23 5.73 -15.96 11.94
CA PHE B 23 4.72 -15.85 10.89
C PHE B 23 5.43 -15.87 9.54
N LEU B 24 4.93 -16.68 8.62
CA LEU B 24 5.45 -16.72 7.26
C LEU B 24 4.68 -15.71 6.45
N ASN B 25 5.37 -14.73 5.88
CA ASN B 25 4.71 -13.68 5.05
C ASN B 25 5.01 -13.81 3.57
N CYS B 26 3.97 -13.60 2.76
CA CYS B 26 4.13 -13.38 1.34
C CYS B 26 3.47 -12.07 0.99
N TYR B 27 4.29 -11.08 0.65
CA TYR B 27 3.85 -9.74 0.28
C TYR B 27 3.84 -9.64 -1.23
N VAL B 28 2.66 -9.40 -1.80
CA VAL B 28 2.47 -9.34 -3.25
C VAL B 28 2.03 -7.92 -3.56
N SER B 29 2.78 -7.27 -4.45
CA SER B 29 2.58 -5.84 -4.69
C SER B 29 2.85 -5.47 -6.15
N GLY B 30 2.46 -4.25 -6.49
CA GLY B 30 2.76 -3.69 -7.80
C GLY B 30 1.96 -4.24 -8.96
N PHE B 31 0.81 -4.88 -8.69
CA PHE B 31 0.08 -5.58 -9.75
C PHE B 31 -1.20 -4.91 -10.23
N HIS B 32 -1.55 -5.19 -11.47
CA HIS B 32 -2.77 -4.68 -12.06
C HIS B 32 -3.07 -5.59 -13.23
N PRO B 33 -4.33 -6.07 -13.36
CA PRO B 33 -5.51 -5.83 -12.54
C PRO B 33 -5.49 -6.61 -11.21
N SER B 34 -6.58 -6.49 -10.45
CA SER B 34 -6.61 -6.90 -9.05
C SER B 34 -6.74 -8.41 -8.80
N ASP B 35 -7.25 -9.15 -9.77
CA ASP B 35 -7.44 -10.59 -9.60
C ASP B 35 -6.06 -11.23 -9.38
N ILE B 36 -5.93 -12.01 -8.32
CA ILE B 36 -4.68 -12.66 -8.00
C ILE B 36 -4.88 -13.91 -7.13
N GLU B 37 -4.07 -14.95 -7.36
CA GLU B 37 -4.12 -16.19 -6.59
C GLU B 37 -2.82 -16.37 -5.84
N VAL B 38 -2.90 -16.50 -4.52
CA VAL B 38 -1.75 -16.73 -3.68
C VAL B 38 -1.97 -17.90 -2.70
N ASP B 39 -1.03 -18.84 -2.70
CA ASP B 39 -0.96 -19.92 -1.72
C ASP B 39 0.41 -19.90 -1.08
N LEU B 40 0.49 -20.29 0.18
CA LEU B 40 1.77 -20.62 0.81
C LEU B 40 1.90 -22.14 0.79
N LEU B 41 3.13 -22.62 0.59
CA LEU B 41 3.38 -24.05 0.44
C LEU B 41 4.33 -24.54 1.50
N LYS B 42 4.01 -25.70 2.08
CA LYS B 42 4.95 -26.45 2.91
C LYS B 42 5.35 -27.68 2.10
N ASN B 43 6.65 -27.76 1.79
CA ASN B 43 7.20 -28.87 1.00
C ASN B 43 6.45 -29.15 -0.30
N GLY B 44 5.99 -28.08 -0.96
CA GLY B 44 5.39 -28.18 -2.28
C GLY B 44 3.88 -28.34 -2.36
N GLU B 45 3.21 -28.43 -1.20
CA GLU B 45 1.73 -28.49 -1.19
C GLU B 45 1.10 -27.44 -0.27
N ARG B 46 -0.07 -26.95 -0.70
CA ARG B 46 -0.74 -25.80 -0.10
C ARG B 46 -0.93 -25.93 1.41
N ILE B 47 -0.57 -24.87 2.12
CA ILE B 47 -0.89 -24.73 3.53
C ILE B 47 -2.33 -24.25 3.63
N GLU B 48 -3.17 -24.99 4.33
CA GLU B 48 -4.53 -24.53 4.63
C GLU B 48 -4.38 -23.37 5.62
N LYS B 49 -5.47 -22.81 6.10
CA LYS B 49 -5.42 -21.87 7.24
C LYS B 49 -4.94 -20.45 6.92
N VAL B 50 -4.39 -20.26 5.73
CA VAL B 50 -3.69 -19.03 5.36
C VAL B 50 -4.64 -17.83 5.30
N GLU B 51 -4.17 -16.70 5.84
CA GLU B 51 -4.99 -15.47 5.90
C GLU B 51 -4.35 -14.38 5.06
N HIS B 52 -5.05 -13.25 4.91
CA HIS B 52 -4.48 -12.11 4.21
C HIS B 52 -5.07 -10.78 4.64
N SER B 53 -4.32 -9.72 4.37
CA SER B 53 -4.73 -8.36 4.65
C SER B 53 -5.81 -7.91 3.66
N ASP B 54 -6.44 -6.78 3.96
CA ASP B 54 -7.45 -6.25 3.07
C ASP B 54 -6.82 -5.84 1.73
N LEU B 55 -7.54 -6.05 0.63
CA LEU B 55 -7.01 -5.69 -0.68
C LEU B 55 -6.91 -4.18 -0.73
N SER B 56 -5.72 -3.66 -1.02
CA SER B 56 -5.56 -2.23 -1.15
C SER B 56 -4.70 -1.92 -2.36
N PHE B 57 -4.44 -0.65 -2.59
CA PHE B 57 -3.54 -0.24 -3.65
C PHE B 57 -2.72 1.00 -3.24
N SER B 58 -1.65 1.25 -4.01
CA SER B 58 -0.66 2.26 -3.68
C SER B 58 -1.00 3.53 -4.42
N LYS B 59 -0.12 4.52 -4.31
CA LYS B 59 -0.35 5.81 -4.93
C LYS B 59 -0.25 5.77 -6.44
N ASP B 60 0.58 4.84 -6.95
CA ASP B 60 0.72 4.59 -8.37
C ASP B 60 -0.34 3.60 -8.87
N TRP B 61 -1.34 3.36 -8.02
CA TRP B 61 -2.58 2.65 -8.38
C TRP B 61 -2.44 1.14 -8.38
N SER B 62 -1.24 0.62 -8.19
CA SER B 62 -1.06 -0.82 -8.26
C SER B 62 -1.48 -1.51 -6.97
N PHE B 63 -1.95 -2.74 -7.09
CA PHE B 63 -2.61 -3.38 -5.97
C PHE B 63 -1.59 -4.07 -5.04
N TYR B 64 -1.98 -4.33 -3.80
CA TYR B 64 -1.13 -5.10 -2.88
C TYR B 64 -1.91 -5.84 -1.81
N LEU B 65 -1.31 -6.93 -1.33
CA LEU B 65 -1.86 -7.84 -0.32
C LEU B 65 -0.71 -8.55 0.46
N LEU B 66 -0.92 -8.76 1.75
CA LEU B 66 -0.05 -9.57 2.57
C LEU B 66 -0.76 -10.88 2.85
N TYR B 67 -0.14 -11.99 2.49
CA TYR B 67 -0.64 -13.33 2.82
C TYR B 67 0.25 -13.95 3.88
N TYR B 68 -0.38 -14.48 4.95
CA TYR B 68 0.38 -14.94 6.12
C TYR B 68 -0.21 -16.10 6.88
N THR B 69 0.65 -16.73 7.68
CA THR B 69 0.30 -17.87 8.50
C THR B 69 1.38 -18.14 9.57
N GLU B 70 0.93 -18.50 10.76
CA GLU B 70 1.84 -18.90 11.84
C GLU B 70 2.51 -20.21 11.45
N PHE B 71 3.79 -20.35 11.78
CA PHE B 71 4.55 -21.54 11.44
C PHE B 71 5.81 -21.67 12.27
N THR B 72 6.29 -22.91 12.41
CA THR B 72 7.59 -23.21 13.03
C THR B 72 8.57 -23.76 11.97
N PRO B 73 9.63 -23.00 11.64
CA PRO B 73 10.66 -23.48 10.71
C PRO B 73 11.44 -24.70 11.21
N THR B 74 11.89 -25.53 10.27
CA THR B 74 12.68 -26.74 10.53
C THR B 74 13.61 -26.91 9.35
N GLU B 75 14.88 -27.13 9.62
CA GLU B 75 15.90 -27.29 8.58
C GLU B 75 15.30 -28.40 7.73
N LYS B 76 15.31 -28.19 6.42
CA LYS B 76 14.99 -29.22 5.42
C LYS B 76 13.56 -29.29 4.89
N ASP B 77 12.69 -28.38 5.35
CA ASP B 77 11.37 -28.13 4.73
C ASP B 77 11.45 -26.89 3.84
N GLU B 78 10.94 -26.99 2.62
CA GLU B 78 10.76 -25.83 1.75
C GLU B 78 9.50 -25.07 2.15
N TYR B 79 9.64 -23.75 2.33
CA TYR B 79 8.50 -22.82 2.38
C TYR B 79 8.52 -21.91 1.16
N ALA B 80 7.33 -21.67 0.60
CA ALA B 80 7.20 -21.00 -0.69
C ALA B 80 5.91 -20.17 -0.83
N CYS B 81 5.92 -19.28 -1.81
CA CYS B 81 4.73 -18.51 -2.19
C CYS B 81 4.39 -18.82 -3.64
N ARG B 82 3.20 -19.35 -3.88
CA ARG B 82 2.76 -19.64 -5.23
C ARG B 82 1.77 -18.58 -5.67
N VAL B 83 2.09 -17.91 -6.77
CA VAL B 83 1.33 -16.77 -7.24
C VAL B 83 0.93 -16.94 -8.71
N ASN B 84 -0.35 -16.71 -9.02
CA ASN B 84 -0.82 -16.61 -10.39
C ASN B 84 -1.55 -15.28 -10.65
N HIS B 85 -1.50 -14.86 -11.91
CA HIS B 85 -1.97 -13.55 -12.36
C HIS B 85 -2.06 -13.61 -13.88
N VAL B 86 -2.96 -12.82 -14.45
CA VAL B 86 -3.17 -12.77 -15.90
C VAL B 86 -1.88 -12.44 -16.67
N THR B 87 -0.89 -11.84 -16.01
CA THR B 87 0.42 -11.52 -16.64
C THR B 87 1.38 -12.71 -16.68
N LEU B 88 1.03 -13.81 -16.00
CA LEU B 88 1.92 -14.95 -15.87
C LEU B 88 1.46 -16.15 -16.69
N SER B 89 2.37 -16.72 -17.48
CA SER B 89 2.05 -17.90 -18.31
C SER B 89 1.73 -19.10 -17.42
N GLN B 90 2.64 -19.40 -16.50
CA GLN B 90 2.41 -20.37 -15.43
C GLN B 90 2.54 -19.66 -14.08
N PRO B 91 2.17 -20.33 -12.97
CA PRO B 91 2.39 -19.78 -11.63
C PRO B 91 3.86 -19.47 -11.33
N LYS B 92 4.10 -18.45 -10.50
CA LYS B 92 5.42 -18.17 -9.95
C LYS B 92 5.54 -18.74 -8.53
N ILE B 93 6.65 -19.44 -8.28
CA ILE B 93 6.96 -19.99 -6.97
C ILE B 93 8.21 -19.28 -6.46
N VAL B 94 8.10 -18.60 -5.32
CA VAL B 94 9.23 -17.88 -4.71
C VAL B 94 9.50 -18.50 -3.36
N LYS B 95 10.74 -18.95 -3.17
CA LYS B 95 11.09 -19.73 -2.00
C LYS B 95 11.52 -18.84 -0.85
N TRP B 96 11.09 -19.19 0.35
CA TRP B 96 11.52 -18.51 1.55
C TRP B 96 13.00 -18.80 1.76
N ASP B 97 13.78 -17.72 1.77
CA ASP B 97 15.19 -17.75 2.13
C ASP B 97 15.20 -16.97 3.44
N ARG B 98 15.58 -17.64 4.52
CA ARG B 98 15.76 -17.03 5.85
C ARG B 98 16.54 -15.71 5.84
N ASP B 99 17.52 -15.61 4.92
CA ASP B 99 18.41 -14.44 4.84
C ASP B 99 17.85 -13.24 4.06
N MET B 100 16.60 -13.30 3.63
CA MET B 100 16.02 -12.24 2.80
C MET B 100 14.55 -11.89 3.12
N LYS C 1 -13.27 10.94 8.32
CA LYS C 1 -14.60 11.20 7.67
C LYS C 1 -14.41 11.39 6.18
N GLY C 2 -15.07 10.56 5.38
CA GLY C 2 -15.03 10.66 3.92
C GLY C 2 -15.80 11.86 3.40
N PRO C 3 -15.67 12.15 2.11
CA PRO C 3 -16.44 13.25 1.49
C PRO C 3 -17.93 12.93 1.48
N PRO C 4 -18.78 13.93 1.25
CA PRO C 4 -20.22 13.69 1.26
C PRO C 4 -20.76 13.03 -0.02
N ALA C 5 -20.15 13.31 -1.15
CA ALA C 5 -20.52 12.67 -2.42
C ALA C 5 -19.27 12.31 -3.22
N ALA C 6 -19.45 11.39 -4.16
CA ALA C 6 -18.46 11.04 -5.16
C ALA C 6 -18.67 11.90 -6.41
N LEU C 7 -17.71 11.85 -7.33
CA LEU C 7 -17.77 12.64 -8.56
C LEU C 7 -18.46 11.89 -9.66
N THR C 8 -19.42 12.54 -10.34
CA THR C 8 -20.00 11.96 -11.54
C THR C 8 -19.10 12.28 -12.71
N LEU C 9 -18.59 11.24 -13.35
CA LEU C 9 -17.68 11.39 -14.50
C LEU C 9 -18.43 11.39 -15.85
CO CO D . -1.98 -3.82 -23.04
CL CL E . -2.68 -5.47 -22.11
CL CL F . -1.25 -1.77 -23.87
#